data_7WXP
#
_entry.id   7WXP
#
_cell.length_a   46.650
_cell.length_b   53.012
_cell.length_c   121.413
_cell.angle_alpha   90.000
_cell.angle_beta   90.000
_cell.angle_gamma   90.000
#
_symmetry.space_group_name_H-M   'P 21 21 21'
#
loop_
_entity.id
_entity.type
_entity.pdbx_description
1 polymer 'poly(beta-D-mannuronate) lyase'
2 branched 'beta-D-mannopyranuronic acid-(1-4)-beta-D-mannopyranuronic acid'
3 water water
#
_entity_poly.entity_id   1
_entity_poly.type   'polypeptide(L)'
_entity_poly.pdbx_seq_one_letter_code
;MGSSHHHHHHSSGLVPRGSHMLEVLFQGPMRFQSLSLAGSVAMLLHINAFAAQNDCPAPPPGSPDIRAIGYYTDAARSVI
DPRLKTQNDAAVKPLNAFAAHVAKFADAYAKGADEAAGRCALTWLDAWARSGAMLGRMAHVNNDQSDYMRQWTHGAAAMA
YLRTQALASEQQRTDIETWLKRLSAANLAYWDNPKHKRNNAYYWTGVGIMATAVATRDDTLLNTAQGIYRAGIDAIEPDG
RLPMEMARKRLALHYHDYATAPLVLMAEMARLQGEDWYTYRQGALERLAARVADGYRDPSWFNTQSGAVQETATPKASSG
WVEFYRLRSPDPMRFDAMHAAGPFQDPRMGGNLTLMAQEGIVPLPQQ
;
_entity_poly.pdbx_strand_id   A
#
# COMPACT_ATOMS: atom_id res chain seq x y z
N CYS A 56 18.61 -15.10 -11.69
CA CYS A 56 17.84 -13.85 -11.69
C CYS A 56 17.43 -13.47 -13.10
N PRO A 57 16.14 -13.55 -13.40
CA PRO A 57 15.66 -13.26 -14.76
C PRO A 57 15.84 -11.79 -15.10
N ALA A 58 15.87 -11.52 -16.41
CA ALA A 58 16.10 -10.16 -16.89
C ALA A 58 14.92 -9.28 -16.52
N PRO A 59 15.16 -8.12 -15.92
CA PRO A 59 14.06 -7.21 -15.61
C PRO A 59 13.40 -6.73 -16.90
N PRO A 60 12.08 -6.60 -16.90
CA PRO A 60 11.39 -6.11 -18.09
C PRO A 60 11.63 -4.62 -18.28
N PRO A 61 11.23 -4.06 -19.42
CA PRO A 61 11.36 -2.61 -19.60
C PRO A 61 10.58 -1.83 -18.55
N GLY A 62 11.17 -0.75 -18.09
CA GLY A 62 10.50 0.12 -17.16
C GLY A 62 10.23 1.47 -17.77
N SER A 63 9.06 1.61 -18.39
CA SER A 63 8.75 2.79 -19.17
C SER A 63 8.57 4.03 -18.29
N PRO A 64 8.97 5.20 -18.79
CA PRO A 64 8.66 6.44 -18.06
C PRO A 64 7.17 6.77 -17.95
N ASP A 65 6.31 6.26 -18.84
CA ASP A 65 4.93 6.70 -18.88
C ASP A 65 3.99 5.62 -18.38
N ILE A 66 2.77 6.06 -18.01
CA ILE A 66 1.70 5.17 -17.56
C ILE A 66 0.39 5.65 -18.21
N ARG A 67 -0.29 4.74 -18.92
CA ARG A 67 -1.55 5.05 -19.59
C ARG A 67 -2.61 4.01 -19.18
N ALA A 68 -3.14 4.17 -17.96
CA ALA A 68 -4.08 3.22 -17.38
C ALA A 68 -5.52 3.61 -17.73
N ILE A 69 -6.49 2.82 -17.25
CA ILE A 69 -7.87 2.88 -17.72
C ILE A 69 -8.82 2.71 -16.53
N GLY A 70 -9.60 3.75 -16.23
CA GLY A 70 -10.60 3.63 -15.19
C GLY A 70 -11.73 2.69 -15.58
N TYR A 71 -12.31 2.03 -14.57
CA TYR A 71 -13.35 1.03 -14.85
C TYR A 71 -14.57 1.17 -13.94
N TYR A 72 -14.74 2.30 -13.25
CA TYR A 72 -15.95 2.58 -12.48
C TYR A 72 -16.85 3.53 -13.26
N THR A 73 -18.15 3.26 -13.27
CA THR A 73 -19.10 4.01 -14.07
C THR A 73 -20.04 4.90 -13.27
N ASP A 74 -20.28 4.61 -12.00
CA ASP A 74 -21.18 5.43 -11.20
C ASP A 74 -20.39 6.49 -10.44
N ALA A 75 -21.12 7.52 -9.99
CA ALA A 75 -20.47 8.62 -9.25
C ALA A 75 -19.83 8.11 -7.97
N ALA A 76 -20.49 7.15 -7.30
CA ALA A 76 -19.95 6.57 -6.07
C ALA A 76 -18.82 5.59 -6.33
N ARG A 77 -18.43 5.37 -7.59
CA ARG A 77 -17.35 4.45 -7.95
C ARG A 77 -17.52 3.09 -7.26
N SER A 78 -18.66 2.46 -7.51
CA SER A 78 -18.95 1.15 -6.95
C SER A 78 -19.49 0.15 -7.97
N VAL A 79 -19.72 0.58 -9.21
CA VAL A 79 -20.22 -0.25 -10.31
C VAL A 79 -19.09 -0.45 -11.31
N ILE A 80 -18.72 -1.71 -11.54
CA ILE A 80 -17.55 -2.07 -12.34
C ILE A 80 -17.97 -2.33 -13.79
N ASP A 81 -17.21 -1.78 -14.74
CA ASP A 81 -17.35 -2.06 -16.16
C ASP A 81 -16.36 -3.18 -16.51
N PRO A 82 -16.82 -4.43 -16.69
CA PRO A 82 -15.86 -5.53 -16.88
C PRO A 82 -14.91 -5.36 -18.06
N ARG A 83 -15.40 -4.90 -19.22
CA ARG A 83 -14.52 -4.69 -20.37
C ARG A 83 -13.47 -3.64 -20.06
N LEU A 84 -13.86 -2.57 -19.37
CA LEU A 84 -12.89 -1.57 -18.96
C LEU A 84 -11.87 -2.16 -17.98
N LYS A 85 -12.33 -3.05 -17.09
CA LYS A 85 -11.43 -3.62 -16.08
C LYS A 85 -10.46 -4.62 -16.70
N THR A 86 -10.96 -5.49 -17.58
CA THR A 86 -10.10 -6.44 -18.29
C THR A 86 -9.03 -5.71 -19.10
N GLN A 87 -9.42 -4.57 -19.67
CA GLN A 87 -8.55 -3.79 -20.52
C GLN A 87 -7.56 -2.97 -19.70
N ASN A 88 -7.96 -2.53 -18.51
CA ASN A 88 -7.02 -1.93 -17.58
C ASN A 88 -5.98 -2.95 -17.11
N ASP A 89 -6.39 -4.22 -16.95
CA ASP A 89 -5.45 -5.26 -16.54
C ASP A 89 -4.34 -5.45 -17.57
N ALA A 90 -4.64 -5.27 -18.85
CA ALA A 90 -3.61 -5.37 -19.88
C ALA A 90 -2.69 -4.15 -19.88
N ALA A 91 -3.25 -2.96 -19.65
CA ALA A 91 -2.46 -1.73 -19.71
C ALA A 91 -1.48 -1.63 -18.54
N VAL A 92 -1.89 -2.09 -17.36
CA VAL A 92 -1.06 -1.99 -16.16
C VAL A 92 -0.32 -3.28 -15.88
N LYS A 93 -0.37 -4.26 -16.80
CA LYS A 93 0.32 -5.54 -16.58
C LYS A 93 1.78 -5.39 -16.22
N PRO A 94 2.63 -4.64 -16.95
CA PRO A 94 4.05 -4.60 -16.60
C PRO A 94 4.31 -4.02 -15.21
N LEU A 95 3.52 -3.02 -14.80
CA LEU A 95 3.66 -2.45 -13.46
C LEU A 95 3.33 -3.48 -12.38
N ASN A 96 2.22 -4.21 -12.56
CA ASN A 96 1.84 -5.22 -11.57
C ASN A 96 2.82 -6.40 -11.58
N ALA A 97 3.34 -6.79 -12.75
CA ALA A 97 4.33 -7.87 -12.78
C ALA A 97 5.66 -7.44 -12.14
N PHE A 98 6.05 -6.17 -12.30
CA PHE A 98 7.26 -5.71 -11.63
C PHE A 98 7.09 -5.77 -10.11
N ALA A 99 5.95 -5.28 -9.62
CA ALA A 99 5.68 -5.26 -8.19
C ALA A 99 5.65 -6.68 -7.63
N ALA A 100 4.93 -7.58 -8.31
CA ALA A 100 4.85 -8.97 -7.83
C ALA A 100 6.24 -9.62 -7.77
N HIS A 101 7.07 -9.40 -8.79
CA HIS A 101 8.38 -10.05 -8.82
C HIS A 101 9.30 -9.55 -7.70
N VAL A 102 9.40 -8.22 -7.48
CA VAL A 102 10.36 -7.71 -6.48
C VAL A 102 9.93 -8.13 -5.07
N ALA A 103 8.62 -8.14 -4.81
CA ALA A 103 8.11 -8.59 -3.53
C ALA A 103 8.36 -10.09 -3.33
N LYS A 104 8.22 -10.89 -4.41
CA LYS A 104 8.58 -12.30 -4.35
C LYS A 104 10.06 -12.49 -4.04
N PHE A 105 10.93 -11.67 -4.63
CA PHE A 105 12.35 -11.77 -4.36
C PHE A 105 12.65 -11.39 -2.91
N ALA A 106 12.05 -10.30 -2.43
CA ALA A 106 12.24 -9.90 -1.04
C ALA A 106 11.73 -10.97 -0.06
N ASP A 107 10.57 -11.59 -0.35
CA ASP A 107 10.08 -12.70 0.46
C ASP A 107 11.08 -13.84 0.49
N ALA A 108 11.60 -14.21 -0.69
CA ALA A 108 12.54 -15.31 -0.76
C ALA A 108 13.83 -14.98 0.01
N TYR A 109 14.32 -13.75 -0.13
CA TYR A 109 15.47 -13.31 0.68
C TYR A 109 15.19 -13.41 2.19
N ALA A 110 13.96 -13.06 2.62
CA ALA A 110 13.63 -13.05 4.04
C ALA A 110 13.62 -14.45 4.67
N LYS A 111 13.50 -15.52 3.87
CA LYS A 111 13.60 -16.87 4.43
C LYS A 111 14.96 -17.16 5.04
N GLY A 112 15.99 -16.42 4.63
CA GLY A 112 17.35 -16.77 4.98
C GLY A 112 17.96 -17.74 3.97
N ALA A 113 19.29 -17.74 3.94
CA ALA A 113 20.08 -18.58 3.02
C ALA A 113 19.69 -18.37 1.55
N ASP A 114 19.36 -17.14 1.18
CA ASP A 114 18.99 -16.84 -0.19
C ASP A 114 19.33 -15.37 -0.45
N GLU A 115 20.61 -15.02 -0.25
CA GLU A 115 21.08 -13.68 -0.60
C GLU A 115 20.87 -13.37 -2.07
N ALA A 116 20.97 -14.40 -2.93
CA ALA A 116 20.78 -14.18 -4.38
C ALA A 116 19.41 -13.60 -4.66
N ALA A 117 18.38 -14.03 -3.92
CA ALA A 117 17.04 -13.47 -4.14
C ALA A 117 17.03 -11.98 -3.80
N GLY A 118 17.65 -11.59 -2.68
CA GLY A 118 17.76 -10.18 -2.35
C GLY A 118 18.50 -9.37 -3.41
N ARG A 119 19.62 -9.90 -3.92
CA ARG A 119 20.35 -9.19 -4.97
C ARG A 119 19.54 -9.11 -6.26
N CYS A 120 18.73 -10.15 -6.57
CA CYS A 120 17.87 -10.07 -7.75
C CYS A 120 16.86 -8.92 -7.66
N ALA A 121 16.21 -8.76 -6.49
CA ALA A 121 15.32 -7.61 -6.29
C ALA A 121 16.03 -6.31 -6.57
N LEU A 122 17.28 -6.17 -6.08
CA LEU A 122 18.04 -4.94 -6.28
C LEU A 122 18.43 -4.76 -7.74
N THR A 123 18.68 -5.85 -8.47
CA THR A 123 18.95 -5.73 -9.90
C THR A 123 17.73 -5.20 -10.64
N TRP A 124 16.53 -5.68 -10.28
CA TRP A 124 15.31 -5.19 -10.92
C TRP A 124 15.06 -3.72 -10.58
N LEU A 125 15.17 -3.36 -9.28
CA LEU A 125 14.95 -1.98 -8.87
C LEU A 125 15.94 -1.02 -9.55
N ASP A 126 17.21 -1.43 -9.65
CA ASP A 126 18.18 -0.56 -10.30
C ASP A 126 17.84 -0.34 -11.78
N ALA A 127 17.48 -1.41 -12.50
CA ALA A 127 17.10 -1.28 -13.90
C ALA A 127 15.96 -0.29 -14.09
N TRP A 128 14.95 -0.34 -13.21
CA TRP A 128 13.86 0.62 -13.37
C TRP A 128 14.29 2.03 -12.93
N ALA A 129 15.15 2.13 -11.91
CA ALA A 129 15.70 3.44 -11.56
C ALA A 129 16.47 4.05 -12.72
N ARG A 130 17.25 3.24 -13.43
CA ARG A 130 18.12 3.75 -14.48
C ARG A 130 17.34 4.18 -15.72
N SER A 131 16.19 3.55 -15.99
CA SER A 131 15.36 3.94 -17.12
C SER A 131 14.32 4.99 -16.73
N GLY A 132 14.34 5.47 -15.49
CA GLY A 132 13.39 6.45 -15.02
C GLY A 132 11.96 5.97 -15.09
N ALA A 133 11.72 4.71 -14.74
CA ALA A 133 10.38 4.16 -14.83
C ALA A 133 9.39 5.02 -14.05
N MET A 134 8.22 5.23 -14.66
CA MET A 134 7.07 5.96 -14.11
C MET A 134 7.35 7.42 -13.79
N LEU A 135 8.45 7.99 -14.27
CA LEU A 135 8.71 9.40 -14.01
C LEU A 135 8.34 10.30 -15.20
N GLY A 136 7.73 9.73 -16.23
CA GLY A 136 7.26 10.48 -17.38
C GLY A 136 5.81 10.91 -17.28
N ARG A 137 5.04 10.62 -18.34
CA ARG A 137 3.71 11.19 -18.53
C ARG A 137 2.64 10.25 -17.98
N MET A 138 1.69 10.82 -17.26
CA MET A 138 0.55 10.09 -16.70
C MET A 138 -0.67 10.48 -17.51
N ALA A 139 -1.25 9.53 -18.26
CA ALA A 139 -2.48 9.84 -18.96
C ALA A 139 -3.63 9.85 -17.98
N HIS A 140 -4.53 10.81 -18.14
CA HIS A 140 -5.79 10.86 -17.38
C HIS A 140 -6.89 10.57 -18.38
N VAL A 141 -7.28 9.30 -18.51
CA VAL A 141 -8.39 8.90 -19.37
C VAL A 141 -9.36 8.07 -18.53
N ASN A 142 -10.64 8.50 -18.54
CA ASN A 142 -11.73 8.00 -17.68
C ASN A 142 -11.60 8.48 -16.25
N ASN A 143 -10.43 8.31 -15.64
CA ASN A 143 -10.18 8.90 -14.33
C ASN A 143 -8.66 9.01 -14.13
N ASP A 144 -8.19 8.85 -12.88
CA ASP A 144 -6.79 9.03 -12.53
C ASP A 144 -6.11 7.71 -12.21
N GLN A 145 -6.52 6.63 -12.90
CA GLN A 145 -5.94 5.31 -12.66
C GLN A 145 -4.43 5.30 -12.88
N SER A 146 -3.91 6.16 -13.76
CA SER A 146 -2.46 6.20 -13.99
C SER A 146 -1.71 6.69 -12.76
N ASP A 147 -2.18 7.80 -12.18
CA ASP A 147 -1.60 8.33 -10.95
C ASP A 147 -1.70 7.33 -9.81
N TYR A 148 -2.83 6.61 -9.72
CA TYR A 148 -2.94 5.58 -8.69
C TYR A 148 -1.95 4.45 -8.94
N MET A 149 -1.70 4.10 -10.21
CA MET A 149 -0.70 3.08 -10.50
C MET A 149 0.71 3.55 -10.13
N ARG A 150 0.99 4.84 -10.31
CA ARG A 150 2.30 5.36 -9.89
C ARG A 150 2.45 5.30 -8.38
N GLN A 151 1.38 5.61 -7.66
CA GLN A 151 1.39 5.51 -6.21
C GLN A 151 1.61 4.07 -5.75
N TRP A 152 0.76 3.14 -6.20
CA TRP A 152 0.84 1.76 -5.71
C TRP A 152 2.17 1.13 -6.07
N THR A 153 2.64 1.36 -7.29
CA THR A 153 3.87 0.72 -7.75
C THR A 153 5.10 1.33 -7.09
N HIS A 154 5.08 2.65 -6.84
CA HIS A 154 6.13 3.26 -6.02
C HIS A 154 6.21 2.60 -4.65
N GLY A 155 5.05 2.36 -4.02
CA GLY A 155 5.06 1.71 -2.70
C GLY A 155 5.71 0.32 -2.75
N ALA A 156 5.32 -0.50 -3.73
CA ALA A 156 5.90 -1.83 -3.86
C ALA A 156 7.40 -1.76 -4.10
N ALA A 157 7.84 -0.86 -4.99
CA ALA A 157 9.27 -0.73 -5.25
C ALA A 157 10.01 -0.24 -4.00
N ALA A 158 9.40 0.70 -3.28
CA ALA A 158 10.05 1.24 -2.08
C ALA A 158 10.09 0.20 -0.96
N MET A 159 9.00 -0.55 -0.75
CA MET A 159 9.04 -1.60 0.26
C MET A 159 10.09 -2.66 -0.08
N ALA A 160 10.17 -3.06 -1.36
CA ALA A 160 11.17 -4.05 -1.75
C ALA A 160 12.58 -3.54 -1.46
N TYR A 161 12.83 -2.25 -1.73
CA TYR A 161 14.15 -1.69 -1.46
C TYR A 161 14.43 -1.66 0.04
N LEU A 162 13.46 -1.20 0.82
CA LEU A 162 13.60 -1.18 2.27
C LEU A 162 13.95 -2.58 2.81
N ARG A 163 13.32 -3.62 2.27
CA ARG A 163 13.55 -4.97 2.79
C ARG A 163 14.90 -5.55 2.37
N THR A 164 15.45 -5.15 1.21
CA THR A 164 16.65 -5.80 0.66
C THR A 164 17.88 -4.90 0.63
N GLN A 165 17.80 -3.66 1.10
CA GLN A 165 18.86 -2.72 0.80
C GLN A 165 20.19 -3.07 1.47
N ALA A 166 20.19 -3.91 2.51
CA ALA A 166 21.44 -4.33 3.12
C ALA A 166 22.41 -4.95 2.12
N LEU A 167 21.90 -5.50 1.01
CA LEU A 167 22.74 -6.10 -0.03
C LEU A 167 23.09 -5.15 -1.18
N ALA A 168 22.70 -3.89 -1.11
CA ALA A 168 22.89 -2.99 -2.24
C ALA A 168 24.35 -2.57 -2.36
N SER A 169 24.84 -2.53 -3.60
CA SER A 169 26.09 -1.85 -3.87
C SER A 169 25.90 -0.35 -3.67
N GLU A 170 27.03 0.39 -3.64
CA GLU A 170 26.93 1.85 -3.51
C GLU A 170 26.22 2.47 -4.70
N GLN A 171 26.55 2.03 -5.92
CA GLN A 171 25.90 2.56 -7.11
C GLN A 171 24.41 2.27 -7.11
N GLN A 172 24.02 1.06 -6.69
CA GLN A 172 22.59 0.74 -6.63
C GLN A 172 21.88 1.65 -5.64
N ARG A 173 22.53 1.95 -4.51
CA ARG A 173 21.90 2.83 -3.53
C ARG A 173 21.68 4.21 -4.12
N THR A 174 22.69 4.76 -4.79
CA THR A 174 22.56 6.09 -5.41
C THR A 174 21.43 6.12 -6.44
N ASP A 175 21.45 5.17 -7.38
CA ASP A 175 20.41 5.11 -8.41
C ASP A 175 19.03 4.91 -7.79
N ILE A 176 18.89 3.86 -6.97
CA ILE A 176 17.56 3.50 -6.49
C ILE A 176 17.00 4.60 -5.58
N GLU A 177 17.82 5.12 -4.67
CA GLU A 177 17.31 6.11 -3.72
C GLU A 177 16.92 7.40 -4.42
N THR A 178 17.69 7.82 -5.44
CA THR A 178 17.35 9.03 -6.18
C THR A 178 16.01 8.85 -6.88
N TRP A 179 15.83 7.70 -7.54
CA TRP A 179 14.57 7.34 -8.21
C TRP A 179 13.42 7.32 -7.22
N LEU A 180 13.64 6.76 -6.03
CA LEU A 180 12.54 6.68 -5.06
C LEU A 180 12.18 8.05 -4.51
N LYS A 181 13.16 8.97 -4.36
CA LYS A 181 12.82 10.30 -3.85
C LYS A 181 12.10 11.13 -4.90
N ARG A 182 12.46 10.98 -6.18
CA ARG A 182 11.73 11.64 -7.26
C ARG A 182 10.31 11.09 -7.41
N LEU A 183 10.14 9.78 -7.22
CA LEU A 183 8.78 9.23 -7.18
C LEU A 183 7.98 9.84 -6.04
N SER A 184 8.61 9.94 -4.85
CA SER A 184 7.95 10.54 -3.70
C SER A 184 7.45 11.93 -4.02
N ALA A 185 8.33 12.77 -4.58
CA ALA A 185 7.98 14.16 -4.89
C ALA A 185 6.85 14.21 -5.91
N ALA A 186 6.94 13.38 -6.96
CA ALA A 186 5.91 13.41 -8.01
C ALA A 186 4.57 12.93 -7.48
N ASN A 187 4.57 11.85 -6.68
CA ASN A 187 3.32 11.38 -6.09
C ASN A 187 2.76 12.40 -5.08
N LEU A 188 3.62 13.08 -4.33
CA LEU A 188 3.11 14.06 -3.36
C LEU A 188 2.49 15.26 -4.08
N ALA A 189 3.08 15.66 -5.20
CA ALA A 189 2.65 16.84 -5.94
C ALA A 189 1.27 16.64 -6.54
N TYR A 190 0.93 15.41 -6.92
CA TYR A 190 -0.40 15.10 -7.41
C TYR A 190 -1.51 15.59 -6.46
N TRP A 191 -1.26 15.55 -5.15
CA TRP A 191 -2.27 15.89 -4.15
C TRP A 191 -2.31 17.37 -3.83
N ASP A 192 -1.43 18.19 -4.43
CA ASP A 192 -1.53 19.64 -4.30
C ASP A 192 -2.80 20.18 -4.95
N ASN A 193 -3.38 19.46 -5.88
CA ASN A 193 -4.66 19.86 -6.45
C ASN A 193 -5.78 19.48 -5.47
N PRO A 194 -6.45 20.46 -4.86
CA PRO A 194 -7.51 20.14 -3.88
C PRO A 194 -8.72 19.48 -4.49
N LYS A 195 -8.85 19.49 -5.81
CA LYS A 195 -9.92 18.76 -6.47
C LYS A 195 -9.74 17.24 -6.34
N HIS A 196 -8.53 16.76 -6.04
CA HIS A 196 -8.34 15.33 -5.80
C HIS A 196 -8.69 15.04 -4.35
N LYS A 197 -9.78 14.32 -4.13
CA LYS A 197 -10.26 14.03 -2.79
C LYS A 197 -9.35 13.03 -2.11
N ARG A 198 -8.93 13.36 -0.89
CA ARG A 198 -7.94 12.56 -0.17
C ARG A 198 -8.64 11.42 0.54
N ASN A 199 -9.11 10.46 -0.25
CA ASN A 199 -9.65 9.25 0.35
C ASN A 199 -8.51 8.27 0.57
N ASN A 200 -8.81 6.98 0.46
CA ASN A 200 -7.81 5.96 0.74
C ASN A 200 -6.62 6.04 -0.21
N ALA A 201 -6.80 6.57 -1.42
CA ALA A 201 -5.67 6.70 -2.34
C ALA A 201 -4.59 7.61 -1.77
N TYR A 202 -5.00 8.66 -1.03
CA TYR A 202 -4.03 9.51 -0.36
C TYR A 202 -3.26 8.71 0.70
N TYR A 203 -3.98 7.91 1.48
CA TYR A 203 -3.29 7.14 2.53
C TYR A 203 -2.30 6.19 1.87
N TRP A 204 -2.70 5.56 0.77
CA TRP A 204 -1.81 4.64 0.04
C TRP A 204 -0.58 5.35 -0.48
N THR A 205 -0.72 6.62 -0.91
CA THR A 205 0.46 7.37 -1.35
C THR A 205 1.50 7.43 -0.24
N GLY A 206 1.06 7.44 1.04
CA GLY A 206 2.00 7.44 2.15
C GLY A 206 2.94 6.24 2.17
N VAL A 207 2.49 5.09 1.63
CA VAL A 207 3.31 3.87 1.73
C VAL A 207 4.67 4.08 1.07
N GLY A 208 4.68 4.50 -0.19
CA GLY A 208 5.95 4.65 -0.89
C GLY A 208 6.79 5.77 -0.30
N ILE A 209 6.14 6.87 0.09
CA ILE A 209 6.84 7.98 0.72
C ILE A 209 7.49 7.51 2.03
N MET A 210 6.73 6.79 2.87
CA MET A 210 7.24 6.29 4.14
C MET A 210 8.42 5.33 3.96
N ALA A 211 8.23 4.28 3.15
CA ALA A 211 9.31 3.33 2.93
C ALA A 211 10.54 4.02 2.35
N THR A 212 10.34 4.97 1.42
CA THR A 212 11.46 5.75 0.91
C THR A 212 12.16 6.50 2.05
N ALA A 213 11.36 7.15 2.92
CA ALA A 213 11.94 7.92 4.03
C ALA A 213 12.73 7.03 4.96
N VAL A 214 12.21 5.85 5.31
CA VAL A 214 12.95 5.00 6.22
C VAL A 214 14.22 4.47 5.56
N ALA A 215 14.12 3.99 4.31
CA ALA A 215 15.28 3.36 3.69
C ALA A 215 16.42 4.35 3.48
N THR A 216 16.11 5.62 3.20
CA THR A 216 17.13 6.63 2.97
C THR A 216 17.40 7.49 4.19
N ARG A 217 16.76 7.17 5.32
CA ARG A 217 16.90 7.96 6.54
C ARG A 217 16.66 9.44 6.27
N ASP A 218 15.60 9.74 5.50
CA ASP A 218 15.26 11.09 5.07
C ASP A 218 14.18 11.63 6.01
N ASP A 219 14.59 12.48 6.96
CA ASP A 219 13.70 12.88 8.04
C ASP A 219 12.59 13.81 7.55
N THR A 220 12.87 14.71 6.58
CA THR A 220 11.78 15.54 6.06
C THR A 220 10.74 14.69 5.33
N LEU A 221 11.19 13.71 4.55
CA LEU A 221 10.24 12.81 3.92
C LEU A 221 9.51 11.94 4.96
N LEU A 222 10.19 11.61 6.06
CA LEU A 222 9.52 10.94 7.16
C LEU A 222 8.36 11.77 7.71
N ASN A 223 8.61 13.06 7.97
CA ASN A 223 7.55 13.94 8.45
C ASN A 223 6.44 14.09 7.42
N THR A 224 6.77 14.10 6.12
CA THR A 224 5.73 14.17 5.08
C THR A 224 4.79 12.97 5.18
N ALA A 225 5.36 11.75 5.30
CA ALA A 225 4.54 10.57 5.50
C ALA A 225 3.70 10.66 6.77
N GLN A 226 4.29 11.18 7.85
CA GLN A 226 3.56 11.35 9.11
C GLN A 226 2.32 12.21 8.92
N GLY A 227 2.44 13.32 8.18
CA GLY A 227 1.27 14.15 7.91
C GLY A 227 0.15 13.40 7.18
N ILE A 228 0.52 12.48 6.28
CA ILE A 228 -0.47 11.69 5.55
C ILE A 228 -1.14 10.68 6.49
N TYR A 229 -0.32 9.95 7.28
CA TYR A 229 -0.88 9.07 8.30
C TYR A 229 -1.83 9.84 9.24
N ARG A 230 -1.40 11.02 9.73
CA ARG A 230 -2.25 11.74 10.68
C ARG A 230 -3.53 12.26 10.03
N ALA A 231 -3.48 12.59 8.74
CA ALA A 231 -4.69 12.99 8.04
C ALA A 231 -5.71 11.86 8.03
N GLY A 232 -5.26 10.63 7.78
CA GLY A 232 -6.19 9.51 7.82
C GLY A 232 -6.76 9.28 9.21
N ILE A 233 -5.91 9.30 10.23
CA ILE A 233 -6.41 9.09 11.59
C ILE A 233 -7.42 10.17 11.96
N ASP A 234 -7.14 11.43 11.56
CA ASP A 234 -8.01 12.55 11.87
C ASP A 234 -9.33 12.49 11.09
N ALA A 235 -9.40 11.71 10.00
CA ALA A 235 -10.65 11.61 9.27
C ALA A 235 -11.60 10.56 9.88
N ILE A 236 -11.10 9.68 10.73
CA ILE A 236 -11.97 8.70 11.38
C ILE A 236 -12.94 9.42 12.31
N GLU A 237 -14.23 9.15 12.13
CA GLU A 237 -15.29 9.73 12.94
C GLU A 237 -15.42 8.98 14.26
N PRO A 238 -16.07 9.58 15.26
CA PRO A 238 -16.13 8.91 16.57
C PRO A 238 -16.76 7.52 16.52
N ASP A 239 -17.69 7.25 15.61
CA ASP A 239 -18.25 5.91 15.50
C ASP A 239 -17.40 4.98 14.62
N GLY A 240 -16.25 5.45 14.11
CA GLY A 240 -15.35 4.65 13.30
C GLY A 240 -15.53 4.80 11.79
N ARG A 241 -16.54 5.53 11.35
CA ARG A 241 -16.75 5.73 9.92
C ARG A 241 -15.62 6.56 9.30
N LEU A 242 -15.29 6.24 8.04
CA LEU A 242 -14.61 7.18 7.15
C LEU A 242 -15.59 7.58 6.06
N PRO A 243 -16.13 8.79 6.12
CA PRO A 243 -17.24 9.15 5.20
C PRO A 243 -16.95 8.90 3.74
N MET A 244 -15.76 9.23 3.22
CA MET A 244 -15.49 8.98 1.80
C MET A 244 -15.44 7.50 1.46
N GLU A 245 -15.05 6.64 2.41
CA GLU A 245 -15.12 5.21 2.12
C GLU A 245 -16.54 4.70 2.32
N MET A 246 -17.28 5.30 3.24
CA MET A 246 -18.65 4.83 3.46
C MET A 246 -19.58 5.26 2.35
N ALA A 247 -19.14 6.19 1.48
CA ALA A 247 -19.88 6.62 0.30
C ALA A 247 -19.82 5.62 -0.85
N ARG A 248 -19.11 4.49 -0.68
CA ARG A 248 -18.85 3.56 -1.78
C ARG A 248 -19.89 2.42 -1.86
N LYS A 249 -21.04 2.57 -1.20
CA LYS A 249 -22.22 1.72 -1.39
C LYS A 249 -21.84 0.27 -1.06
N ARG A 250 -22.05 -0.69 -1.97
CA ARG A 250 -21.78 -2.09 -1.66
C ARG A 250 -20.30 -2.37 -1.38
N LEU A 251 -19.40 -1.43 -1.70
CA LEU A 251 -17.97 -1.59 -1.45
C LEU A 251 -17.50 -0.85 -0.20
N ALA A 252 -18.45 -0.36 0.62
CA ALA A 252 -18.12 0.40 1.81
C ALA A 252 -17.18 -0.37 2.75
N LEU A 253 -17.55 -1.60 3.11
CA LEU A 253 -16.68 -2.41 3.95
C LEU A 253 -15.34 -2.63 3.27
N HIS A 254 -15.37 -3.00 1.99
CA HIS A 254 -14.15 -3.21 1.23
C HIS A 254 -13.21 -2.02 1.34
N TYR A 255 -13.75 -0.79 1.25
CA TYR A 255 -12.86 0.36 1.24
C TYR A 255 -12.49 0.86 2.63
N HIS A 256 -13.26 0.53 3.69
CA HIS A 256 -12.75 0.77 5.04
C HIS A 256 -11.55 -0.13 5.32
N ASP A 257 -11.65 -1.41 4.96
CA ASP A 257 -10.51 -2.33 4.97
C ASP A 257 -9.33 -1.72 4.19
N TYR A 258 -9.61 -1.27 2.96
CA TYR A 258 -8.57 -0.74 2.08
C TYR A 258 -7.94 0.55 2.63
N ALA A 259 -8.71 1.36 3.35
CA ALA A 259 -8.13 2.58 3.95
C ALA A 259 -7.26 2.25 5.15
N THR A 260 -7.64 1.21 5.91
CA THR A 260 -6.88 0.83 7.10
C THR A 260 -5.47 0.34 6.75
N ALA A 261 -5.33 -0.41 5.65
CA ALA A 261 -4.07 -1.10 5.34
C ALA A 261 -2.84 -0.18 5.29
N PRO A 262 -2.82 0.92 4.51
CA PRO A 262 -1.61 1.76 4.49
C PRO A 262 -1.39 2.51 5.80
N LEU A 263 -2.46 2.87 6.52
CA LEU A 263 -2.30 3.49 7.84
C LEU A 263 -1.54 2.56 8.80
N VAL A 264 -1.96 1.29 8.89
CA VAL A 264 -1.29 0.33 9.75
C VAL A 264 0.15 0.10 9.28
N LEU A 265 0.35 -0.07 7.97
CA LEU A 265 1.71 -0.32 7.47
C LEU A 265 2.64 0.87 7.74
N MET A 266 2.13 2.10 7.59
CA MET A 266 2.96 3.27 7.94
C MET A 266 3.27 3.29 9.44
N ALA A 267 2.30 2.90 10.29
CA ALA A 267 2.56 2.92 11.72
C ALA A 267 3.65 1.91 12.07
N GLU A 268 3.61 0.72 11.44
CA GLU A 268 4.65 -0.29 11.66
C GLU A 268 6.02 0.23 11.21
N MET A 269 6.06 0.88 10.06
CA MET A 269 7.32 1.40 9.56
C MET A 269 7.86 2.52 10.47
N ALA A 270 6.97 3.28 11.11
CA ALA A 270 7.46 4.34 12.00
C ALA A 270 8.23 3.79 13.19
N ARG A 271 7.88 2.58 13.64
CA ARG A 271 8.60 1.94 14.73
C ARG A 271 10.08 1.78 14.41
N LEU A 272 10.43 1.62 13.13
CA LEU A 272 11.82 1.51 12.70
C LEU A 272 12.57 2.83 12.81
N GLN A 273 11.86 3.95 12.99
CA GLN A 273 12.49 5.23 13.26
C GLN A 273 12.25 5.68 14.70
N GLY A 274 11.96 4.76 15.62
CA GLY A 274 11.76 5.11 17.01
C GLY A 274 10.52 5.94 17.34
N GLU A 275 9.52 6.00 16.46
CA GLU A 275 8.30 6.76 16.75
C GLU A 275 7.13 5.79 16.89
N ASP A 276 6.21 6.08 17.81
CA ASP A 276 5.05 5.23 18.05
C ASP A 276 3.78 5.92 17.54
N TRP A 277 3.57 5.85 16.22
CA TRP A 277 2.41 6.52 15.63
C TRP A 277 1.08 5.91 16.06
N TYR A 278 1.08 4.68 16.59
CA TYR A 278 -0.15 4.08 17.09
C TYR A 278 -0.80 4.91 18.20
N THR A 279 -0.01 5.68 18.95
CA THR A 279 -0.57 6.52 20.03
C THR A 279 -1.23 7.78 19.50
N TYR A 280 -1.06 8.12 18.22
CA TYR A 280 -1.68 9.33 17.68
C TYR A 280 -3.21 9.22 17.74
N ARG A 281 -3.86 10.10 18.51
CA ARG A 281 -5.30 10.01 18.73
C ARG A 281 -5.68 8.57 19.04
N GLN A 282 -4.89 7.96 19.93
CA GLN A 282 -5.11 6.58 20.32
C GLN A 282 -6.58 6.33 20.61
N GLY A 283 -7.13 5.28 20.00
CA GLY A 283 -8.55 5.02 20.03
C GLY A 283 -9.18 5.02 18.65
N ALA A 284 -8.78 5.98 17.81
CA ALA A 284 -9.38 6.13 16.50
C ALA A 284 -9.06 4.95 15.58
N LEU A 285 -7.80 4.54 15.48
CA LEU A 285 -7.43 3.43 14.60
C LEU A 285 -8.12 2.14 15.03
N GLU A 286 -8.11 1.87 16.35
CA GLU A 286 -8.80 0.68 16.85
C GLU A 286 -10.28 0.70 16.49
N ARG A 287 -10.90 1.89 16.56
CA ARG A 287 -12.33 1.98 16.26
C ARG A 287 -12.60 1.62 14.80
N LEU A 288 -11.77 2.13 13.88
CA LEU A 288 -11.93 1.81 12.46
C LEU A 288 -11.63 0.34 12.19
N ALA A 289 -10.50 -0.18 12.71
CA ALA A 289 -10.13 -1.57 12.46
C ALA A 289 -11.16 -2.55 13.03
N ALA A 290 -11.72 -2.25 14.21
CA ALA A 290 -12.73 -3.14 14.77
C ALA A 290 -14.00 -3.15 13.92
N ARG A 291 -14.35 -2.03 13.28
CA ARG A 291 -15.50 -2.01 12.40
C ARG A 291 -15.25 -2.87 11.17
N VAL A 292 -14.02 -2.85 10.64
CA VAL A 292 -13.69 -3.72 9.51
C VAL A 292 -13.86 -5.19 9.90
N ALA A 293 -13.27 -5.59 11.04
CA ALA A 293 -13.40 -6.97 11.51
C ALA A 293 -14.87 -7.33 11.74
N ASP A 294 -15.63 -6.42 12.38
CA ASP A 294 -17.05 -6.69 12.57
C ASP A 294 -17.76 -6.88 11.24
N GLY A 295 -17.39 -6.08 10.23
CA GLY A 295 -18.12 -6.10 8.97
C GLY A 295 -17.99 -7.41 8.22
N TYR A 296 -16.79 -8.02 8.24
CA TYR A 296 -16.63 -9.35 7.64
C TYR A 296 -17.36 -10.42 8.42
N ARG A 297 -17.47 -10.24 9.74
CA ARG A 297 -18.25 -11.18 10.54
C ARG A 297 -19.72 -11.06 10.23
N ASP A 298 -20.23 -9.83 10.20
CA ASP A 298 -21.62 -9.53 9.87
C ASP A 298 -21.75 -8.11 9.31
N PRO A 299 -22.20 -7.95 8.07
CA PRO A 299 -22.13 -6.63 7.42
C PRO A 299 -23.26 -5.65 7.74
N SER A 300 -24.08 -5.91 8.77
CA SER A 300 -25.31 -5.13 8.96
C SER A 300 -25.01 -3.67 9.28
N TRP A 301 -23.92 -3.38 10.02
CA TRP A 301 -23.58 -1.99 10.27
C TRP A 301 -23.21 -1.27 8.97
N PHE A 302 -22.43 -1.93 8.11
CA PHE A 302 -22.08 -1.30 6.84
C PHE A 302 -23.29 -1.21 5.93
N ASN A 303 -24.19 -2.20 6.00
CA ASN A 303 -25.44 -2.14 5.23
C ASN A 303 -26.23 -0.89 5.58
N THR A 304 -26.51 -0.68 6.87
CA THR A 304 -27.30 0.50 7.24
C THR A 304 -26.52 1.79 7.03
N GLN A 305 -25.21 1.80 7.33
CA GLN A 305 -24.45 3.04 7.21
C GLN A 305 -24.24 3.47 5.76
N SER A 306 -24.08 2.52 4.85
CA SER A 306 -23.79 2.88 3.47
C SER A 306 -25.04 2.96 2.61
N GLY A 307 -26.15 2.39 3.07
CA GLY A 307 -27.37 2.31 2.28
C GLY A 307 -27.38 1.23 1.23
N ALA A 308 -26.45 0.27 1.30
CA ALA A 308 -26.38 -0.80 0.31
C ALA A 308 -25.91 -2.08 0.98
N VAL A 309 -26.53 -3.20 0.57
CA VAL A 309 -26.03 -4.51 0.98
C VAL A 309 -24.59 -4.66 0.49
N GLN A 310 -23.69 -5.03 1.41
CA GLN A 310 -22.29 -5.16 1.05
C GLN A 310 -22.06 -6.35 0.12
N GLU A 311 -21.08 -6.21 -0.77
CA GLU A 311 -20.62 -7.36 -1.54
C GLU A 311 -20.16 -8.45 -0.59
N THR A 312 -20.31 -9.70 -1.01
CA THR A 312 -19.81 -10.84 -0.24
C THR A 312 -18.39 -11.04 -0.72
N ALA A 313 -17.45 -10.60 0.09
CA ALA A 313 -16.04 -10.83 -0.18
C ALA A 313 -15.40 -11.24 1.14
N THR A 314 -14.45 -12.11 1.05
CA THR A 314 -13.70 -12.45 2.25
C THR A 314 -12.42 -11.64 2.28
N PRO A 315 -11.74 -11.57 3.43
CA PRO A 315 -10.47 -10.81 3.50
C PRO A 315 -9.41 -11.40 2.60
N LYS A 316 -8.64 -10.54 1.93
CA LYS A 316 -7.50 -11.03 1.18
C LYS A 316 -6.54 -9.90 0.81
N ALA A 317 -5.37 -10.29 0.31
CA ALA A 317 -4.32 -9.36 -0.09
C ALA A 317 -4.08 -8.32 1.01
N SER A 318 -4.40 -7.06 0.71
CA SER A 318 -4.12 -5.94 1.61
C SER A 318 -4.90 -5.99 2.93
N SER A 319 -5.92 -6.86 3.05
CA SER A 319 -6.50 -7.14 4.36
C SER A 319 -5.46 -7.67 5.35
N GLY A 320 -4.29 -8.07 4.87
CA GLY A 320 -3.24 -8.58 5.72
C GLY A 320 -2.64 -7.59 6.69
N TRP A 321 -3.07 -6.32 6.65
CA TRP A 321 -2.70 -5.42 7.76
C TRP A 321 -3.07 -6.02 9.13
N VAL A 322 -4.13 -6.84 9.17
CA VAL A 322 -4.54 -7.50 10.43
C VAL A 322 -3.41 -8.33 11.01
N GLU A 323 -2.54 -8.87 10.16
CA GLU A 323 -1.40 -9.64 10.68
C GLU A 323 -0.53 -8.76 11.59
N PHE A 324 -0.32 -7.50 11.22
CA PHE A 324 0.40 -6.59 12.09
C PHE A 324 -0.48 -6.12 13.25
N TYR A 325 -1.72 -5.71 12.94
CA TYR A 325 -2.52 -4.97 13.90
C TYR A 325 -2.97 -5.84 15.08
N ARG A 326 -3.22 -7.13 14.86
CA ARG A 326 -3.61 -7.99 15.97
C ARG A 326 -2.53 -8.10 17.06
N LEU A 327 -1.27 -7.77 16.75
CA LEU A 327 -0.22 -7.75 17.76
C LEU A 327 -0.17 -6.43 18.53
N ARG A 328 -1.04 -5.47 18.17
CA ARG A 328 -1.08 -4.11 18.68
C ARG A 328 -2.39 -3.75 19.38
N SER A 329 -3.49 -4.39 18.99
CA SER A 329 -4.84 -3.99 19.40
C SER A 329 -5.06 -4.21 20.91
N PRO A 330 -5.82 -3.33 21.56
CA PRO A 330 -6.36 -3.67 22.90
C PRO A 330 -7.37 -4.81 22.90
N ASP A 331 -7.84 -5.29 21.75
CA ASP A 331 -8.78 -6.42 21.70
C ASP A 331 -8.44 -7.33 20.51
N PRO A 332 -7.32 -8.04 20.58
CA PRO A 332 -6.85 -8.81 19.40
C PRO A 332 -7.80 -9.92 18.93
N MET A 333 -8.58 -10.53 19.83
CA MET A 333 -9.36 -11.71 19.44
C MET A 333 -10.43 -11.37 18.40
N ARG A 334 -10.81 -10.09 18.30
CA ARG A 334 -11.77 -9.68 17.29
C ARG A 334 -11.26 -9.93 15.87
N PHE A 335 -9.93 -10.04 15.68
CA PHE A 335 -9.31 -10.24 14.38
C PHE A 335 -9.01 -11.72 14.09
N ASP A 336 -9.54 -12.64 14.90
CA ASP A 336 -9.25 -14.06 14.73
C ASP A 336 -9.75 -14.57 13.38
N ALA A 337 -11.01 -14.28 13.02
CA ALA A 337 -11.52 -14.76 11.74
C ALA A 337 -10.76 -14.14 10.57
N MET A 338 -10.45 -12.84 10.65
CA MET A 338 -9.65 -12.23 9.60
C MET A 338 -8.30 -12.93 9.48
N HIS A 339 -7.63 -13.14 10.60
CA HIS A 339 -6.35 -13.85 10.58
C HIS A 339 -6.49 -15.21 9.92
N ALA A 340 -7.55 -15.95 10.28
CA ALA A 340 -7.75 -17.31 9.77
C ALA A 340 -7.99 -17.36 8.26
N ALA A 341 -8.41 -16.25 7.65
CA ALA A 341 -8.59 -16.21 6.21
C ALA A 341 -7.27 -16.10 5.44
N GLY A 342 -6.13 -15.96 6.14
CA GLY A 342 -4.82 -15.83 5.51
C GLY A 342 -4.25 -17.16 5.05
N PRO A 343 -2.94 -17.19 4.72
CA PRO A 343 -1.96 -16.09 4.77
C PRO A 343 -2.22 -15.01 3.72
N PHE A 344 -1.68 -13.81 3.96
CA PHE A 344 -1.95 -12.65 3.13
C PHE A 344 -0.68 -12.21 2.43
N GLN A 345 -0.77 -12.01 1.11
CA GLN A 345 0.32 -11.47 0.32
C GLN A 345 -0.17 -10.26 -0.46
N ASP A 346 0.59 -9.18 -0.41
CA ASP A 346 0.27 -8.02 -1.22
C ASP A 346 1.58 -7.40 -1.64
N PRO A 347 1.96 -7.49 -2.92
CA PRO A 347 3.21 -6.85 -3.35
C PRO A 347 3.24 -5.36 -3.06
N ARG A 348 2.09 -4.68 -3.10
CA ARG A 348 2.08 -3.25 -2.84
C ARG A 348 2.37 -2.91 -1.38
N MET A 349 2.39 -3.91 -0.51
CA MET A 349 2.65 -3.72 0.90
C MET A 349 3.98 -4.37 1.33
N GLY A 350 4.79 -4.78 0.34
CA GLY A 350 6.06 -5.44 0.59
C GLY A 350 6.07 -6.95 0.42
N GLY A 351 4.92 -7.58 0.16
CA GLY A 351 4.91 -9.02 -0.06
C GLY A 351 4.10 -9.81 0.96
N ASN A 352 4.72 -10.78 1.63
CA ASN A 352 4.00 -11.70 2.53
C ASN A 352 3.79 -11.05 3.92
N LEU A 353 2.57 -10.57 4.15
CA LEU A 353 2.24 -9.85 5.38
C LEU A 353 2.17 -10.79 6.57
N THR A 354 1.69 -12.01 6.35
CA THR A 354 1.67 -13.01 7.41
C THR A 354 3.07 -13.28 7.93
N LEU A 355 4.04 -13.46 7.03
CA LEU A 355 5.41 -13.74 7.49
C LEU A 355 6.06 -12.49 8.06
N MET A 356 5.77 -11.30 7.50
CA MET A 356 6.46 -10.09 7.96
C MET A 356 6.02 -9.71 9.36
N ALA A 357 4.75 -9.92 9.69
CA ALA A 357 4.26 -9.52 11.01
C ALA A 357 4.98 -10.28 12.12
N GLN A 358 5.42 -11.50 11.83
CA GLN A 358 6.14 -12.32 12.80
C GLN A 358 7.66 -12.23 12.66
N GLU A 359 8.17 -12.03 11.44
CA GLU A 359 9.62 -11.90 11.23
C GLU A 359 10.12 -10.48 11.46
N GLY A 360 9.27 -9.48 11.26
CA GLY A 360 9.76 -8.13 11.09
C GLY A 360 9.81 -7.77 9.62
N ILE A 361 9.49 -6.52 9.30
CA ILE A 361 9.46 -6.09 7.90
C ILE A 361 10.82 -6.29 7.24
N VAL A 362 11.89 -5.86 7.90
CA VAL A 362 13.25 -5.91 7.36
C VAL A 362 13.96 -7.14 7.92
N PRO A 363 14.35 -8.11 7.09
CA PRO A 363 15.13 -9.24 7.60
C PRO A 363 16.42 -8.79 8.26
N LEU A 364 16.82 -9.55 9.28
CA LEU A 364 18.11 -9.31 9.91
C LEU A 364 19.21 -9.58 8.88
N PRO A 365 20.14 -8.65 8.67
CA PRO A 365 21.22 -8.89 7.70
C PRO A 365 22.08 -10.07 8.09
N GLN A 366 22.50 -10.83 7.08
CA GLN A 366 23.52 -11.86 7.22
C GLN A 366 24.94 -11.27 7.29
#